data_4FPX
#
_entry.id   4FPX
#
_cell.length_a   45.614
_cell.length_b   46.035
_cell.length_c   119.187
_cell.angle_alpha   90.000
_cell.angle_beta   99.520
_cell.angle_gamma   90.000
#
_symmetry.space_group_name_H-M   'P 1 21 1'
#
loop_
_entity.id
_entity.type
_entity.pdbx_description
1 polymer 'Shikimate dehydrogenase'
2 water water
#
_entity_poly.entity_id   1
_entity_poly.type   'polypeptide(L)'
_entity_poly.pdbx_seq_one_letter_code
;MKLKSFGVFGNPIKHSKSPLIHNACFLTFQKELRFLGHYHPILLPLESHIKSEFLHLGLSGANVTLPFKERAFQVCDKIK
GIALECGAVNTLVLENDELVGYNTDALGFYLSLKQKNYQNALILGAGGSAKALACELKKQGLQVSVLNRSSRGLDFFQRL
GCDCFMEPPKSAFDLIINATSASLHNELPLNKEVLKGYFKEGKLAYDLAYGFLTPFLSLAKELKTPFQDGKDMLIYNAAL
SFEKFSASQIPYSKAFEVMRSVFLEHHHHHH
;
_entity_poly.pdbx_strand_id   A,B
#
# COMPACT_ATOMS: atom_id res chain seq x y z
N MET A 1 10.40 34.28 -8.94
CA MET A 1 10.76 33.48 -7.72
C MET A 1 11.88 32.47 -7.97
N LYS A 2 12.86 32.45 -7.06
CA LYS A 2 13.80 31.34 -6.97
C LYS A 2 13.04 30.07 -6.52
N LEU A 3 13.19 29.01 -7.30
CA LEU A 3 12.59 27.71 -7.01
C LEU A 3 13.53 26.78 -6.22
N LYS A 4 12.96 26.00 -5.30
CA LYS A 4 13.72 24.93 -4.63
C LYS A 4 12.93 23.64 -4.63
N SER A 5 13.62 22.53 -4.87
CA SER A 5 12.97 21.22 -4.95
C SER A 5 13.16 20.37 -3.72
N PHE A 6 12.07 19.71 -3.33
CA PHE A 6 12.08 18.82 -2.19
C PHE A 6 11.41 17.51 -2.58
N GLY A 7 11.58 16.51 -1.76
CA GLY A 7 10.89 15.28 -2.05
C GLY A 7 10.81 14.41 -0.86
N VAL A 8 10.16 13.29 -1.03
CA VAL A 8 10.13 12.27 0.00
C VAL A 8 10.61 10.96 -0.67
N PHE A 9 11.71 10.43 -0.15
CA PHE A 9 12.24 9.13 -0.54
C PHE A 9 11.55 8.01 0.23
N GLY A 10 10.92 7.10 -0.53
CA GLY A 10 10.29 5.91 0.04
C GLY A 10 10.23 4.74 -0.97
N ASN A 11 9.80 3.58 -0.47
CA ASN A 11 9.58 2.40 -1.30
C ASN A 11 8.79 1.39 -0.48
N PRO A 12 7.45 1.35 -0.70
CA PRO A 12 6.76 2.18 -1.69
C PRO A 12 6.56 3.59 -1.17
N ILE A 13 6.05 4.49 -2.02
CA ILE A 13 5.96 5.90 -1.73
C ILE A 13 4.66 6.55 -2.22
N LYS A 14 4.01 5.96 -3.21
CA LYS A 14 2.87 6.62 -3.88
C LYS A 14 1.68 6.95 -2.91
N HIS A 15 1.51 6.15 -1.86
CA HIS A 15 0.45 6.35 -0.90
C HIS A 15 0.60 7.69 -0.13
N SER A 16 1.75 8.34 -0.27
CA SER A 16 2.19 9.30 0.75
C SER A 16 1.42 10.63 0.72
N LYS A 17 1.11 11.17 1.90
CA LYS A 17 0.40 12.48 2.01
C LYS A 17 1.35 13.62 2.22
N SER A 18 2.64 13.33 2.32
CA SER A 18 3.63 14.38 2.48
C SER A 18 3.64 15.45 1.39
N PRO A 19 3.48 15.08 0.11
CA PRO A 19 3.55 16.17 -0.89
C PRO A 19 2.42 17.16 -0.69
N LEU A 20 1.24 16.66 -0.35
CA LEU A 20 0.09 17.49 -0.19
C LEU A 20 0.32 18.55 0.89
N ILE A 21 0.70 18.12 2.07
CA ILE A 21 0.77 19.03 3.17
C ILE A 21 1.98 19.98 3.04
N HIS A 22 3.05 19.51 2.39
CA HIS A 22 4.28 20.30 2.25
C HIS A 22 4.10 21.37 1.20
N ASN A 23 3.45 20.99 0.09
CA ASN A 23 3.20 21.95 -0.96
C ASN A 23 2.17 23.04 -0.52
N ALA A 24 1.16 22.65 0.26
CA ALA A 24 0.27 23.65 0.91
C ALA A 24 1.03 24.72 1.71
N CYS A 25 2.07 24.32 2.44
CA CYS A 25 2.88 25.30 3.18
C CYS A 25 3.81 26.06 2.28
N PHE A 26 4.40 25.40 1.30
CA PHE A 26 5.27 26.12 0.40
C PHE A 26 4.51 27.24 -0.29
N LEU A 27 3.27 26.97 -0.68
CA LEU A 27 2.45 27.96 -1.34
C LEU A 27 2.05 29.07 -0.40
N THR A 28 1.74 28.72 0.85
CA THR A 28 1.31 29.74 1.78
C THR A 28 2.44 30.68 2.24
N PHE A 29 3.67 30.16 2.26
CA PHE A 29 4.75 30.86 2.96
C PHE A 29 5.81 31.42 2.03
N GLN A 30 5.55 31.39 0.73
CA GLN A 30 6.59 31.79 -0.25
C GLN A 30 7.06 33.24 -0.06
N LYS A 31 6.12 34.09 0.34
CA LYS A 31 6.35 35.44 0.80
C LYS A 31 7.51 35.52 1.81
N GLU A 32 7.32 34.93 3.00
CA GLU A 32 8.35 34.94 4.03
C GLU A 32 9.49 34.06 3.65
N LEU A 33 9.23 33.03 2.87
CA LEU A 33 10.32 32.17 2.43
C LEU A 33 11.16 32.91 1.39
N ARG A 34 10.51 33.62 0.45
CA ARG A 34 11.23 34.37 -0.60
C ARG A 34 11.76 33.40 -1.63
N PHE A 35 11.36 32.15 -1.50
CA PHE A 35 11.48 31.21 -2.58
C PHE A 35 10.25 30.35 -2.61
N LEU A 36 10.03 29.67 -3.73
CA LEU A 36 8.96 28.70 -3.80
C LEU A 36 9.48 27.25 -3.83
N GLY A 37 9.07 26.46 -2.85
CA GLY A 37 9.41 25.07 -2.82
C GLY A 37 8.38 24.24 -3.53
N HIS A 38 8.85 23.25 -4.29
CA HIS A 38 7.99 22.23 -4.81
C HIS A 38 8.46 20.83 -4.38
N TYR A 39 7.51 19.96 -4.05
CA TYR A 39 7.77 18.78 -3.28
C TYR A 39 7.11 17.58 -3.96
N HIS A 40 7.87 16.50 -4.11
CA HIS A 40 7.53 15.40 -5.02
C HIS A 40 7.81 14.03 -4.34
N PRO A 41 6.93 13.04 -4.56
CA PRO A 41 7.29 11.70 -4.06
C PRO A 41 8.37 11.04 -4.93
N ILE A 42 9.34 10.36 -4.32
CA ILE A 42 10.38 9.71 -5.08
C ILE A 42 10.44 8.24 -4.73
N LEU A 43 9.96 7.38 -5.62
CA LEU A 43 10.22 5.96 -5.54
C LEU A 43 11.75 5.78 -5.72
N LEU A 44 12.39 5.35 -4.64
CA LEU A 44 13.79 5.07 -4.69
C LEU A 44 14.02 3.56 -4.79
N PRO A 45 14.69 3.12 -5.88
CA PRO A 45 15.18 1.74 -5.91
C PRO A 45 16.00 1.41 -4.65
N LEU A 46 15.66 0.29 -4.00
CA LEU A 46 16.43 -0.24 -2.86
C LEU A 46 17.96 -0.20 -3.11
N GLU A 47 18.36 -0.40 -4.35
CA GLU A 47 19.76 -0.52 -4.74
C GLU A 47 20.42 0.87 -4.85
N SER A 48 19.63 1.91 -4.70
CA SER A 48 20.18 3.24 -4.94
C SER A 48 20.84 3.83 -3.71
N HIS A 49 21.56 4.92 -3.93
CA HIS A 49 22.19 5.66 -2.87
C HIS A 49 21.43 6.98 -2.61
N ILE A 50 20.93 7.16 -1.40
CA ILE A 50 20.12 8.34 -1.05
C ILE A 50 20.85 9.68 -1.31
N LYS A 51 22.06 9.81 -0.77
CA LYS A 51 22.84 11.02 -0.91
C LYS A 51 23.09 11.32 -2.42
N SER A 52 23.56 10.32 -3.17
CA SER A 52 23.73 10.47 -4.61
C SER A 52 22.50 10.99 -5.29
N GLU A 53 21.38 10.30 -5.06
CA GLU A 53 20.08 10.73 -5.57
C GLU A 53 19.67 12.11 -5.14
N PHE A 54 19.90 12.43 -3.87
CA PHE A 54 19.55 13.75 -3.32
C PHE A 54 20.36 14.82 -4.09
N LEU A 55 21.68 14.60 -4.18
CA LEU A 55 22.59 15.50 -4.92
C LEU A 55 22.25 15.56 -6.39
N HIS A 56 21.92 14.42 -6.98
CA HIS A 56 21.68 14.34 -8.43
C HIS A 56 20.39 15.06 -8.86
N LEU A 57 19.37 14.99 -8.03
CA LEU A 57 18.09 15.66 -8.32
C LEU A 57 18.15 17.12 -7.98
N GLY A 58 19.25 17.53 -7.40
CA GLY A 58 19.37 18.92 -6.97
C GLY A 58 18.39 19.34 -5.90
N LEU A 59 18.18 18.50 -4.88
CA LEU A 59 17.19 18.84 -3.86
C LEU A 59 17.74 19.88 -2.88
N SER A 60 16.87 20.67 -2.26
CA SER A 60 17.33 21.53 -1.17
C SER A 60 17.07 20.86 0.15
N GLY A 61 16.16 19.89 0.14
CA GLY A 61 15.67 19.26 1.36
C GLY A 61 14.83 18.05 0.98
N ALA A 62 14.69 17.10 1.90
CA ALA A 62 13.87 15.91 1.65
C ALA A 62 13.50 15.24 2.91
N ASN A 63 12.42 14.48 2.86
CA ASN A 63 12.05 13.55 3.89
C ASN A 63 12.44 12.12 3.47
N VAL A 64 12.60 11.25 4.47
CA VAL A 64 12.88 9.85 4.26
C VAL A 64 11.84 9.00 5.02
N THR A 65 11.23 8.05 4.33
CA THR A 65 10.31 7.15 4.97
C THR A 65 10.79 5.70 4.70
N LEU A 66 9.96 4.70 5.02
CA LEU A 66 10.37 3.29 4.91
C LEU A 66 10.85 2.93 3.48
N PRO A 67 11.92 2.11 3.38
CA PRO A 67 12.69 1.54 4.47
C PRO A 67 14.08 2.15 4.59
N PHE A 68 14.19 3.45 4.39
CA PHE A 68 15.48 4.09 4.22
C PHE A 68 15.97 4.90 5.39
N LYS A 69 15.20 4.97 6.49
CA LYS A 69 15.56 5.93 7.57
C LYS A 69 16.95 5.64 8.20
N GLU A 70 17.24 4.38 8.53
CA GLU A 70 18.59 4.05 9.06
C GLU A 70 19.72 4.25 8.07
N ARG A 71 19.46 3.92 6.82
CA ARG A 71 20.36 4.24 5.71
C ARG A 71 20.59 5.78 5.53
N ALA A 72 19.53 6.57 5.66
CA ALA A 72 19.73 8.02 5.54
C ALA A 72 20.77 8.48 6.57
N PHE A 73 20.64 7.97 7.81
CA PHE A 73 21.58 8.27 8.89
C PHE A 73 23.07 7.95 8.54
N GLN A 74 23.29 6.80 7.87
CA GLN A 74 24.65 6.37 7.49
C GLN A 74 25.34 7.31 6.52
N VAL A 75 24.59 7.91 5.60
CA VAL A 75 25.18 8.57 4.43
C VAL A 75 25.18 10.09 4.47
N CYS A 76 24.53 10.63 5.47
CA CYS A 76 24.65 12.04 5.80
C CYS A 76 26.10 12.46 6.03
N ASP A 77 26.41 13.71 5.72
CA ASP A 77 27.68 14.28 6.11
C ASP A 77 27.71 14.65 7.58
N LYS A 78 26.58 15.15 8.10
CA LYS A 78 26.49 15.61 9.48
C LYS A 78 25.13 15.17 10.02
N ILE A 79 25.05 14.79 11.28
CA ILE A 79 23.75 14.55 11.93
C ILE A 79 23.53 15.60 13.03
N LYS A 80 22.30 16.14 13.13
CA LYS A 80 21.99 17.16 14.13
C LYS A 80 20.69 16.89 14.89
N GLY A 81 20.77 17.13 16.19
CA GLY A 81 19.62 17.05 17.07
C GLY A 81 19.43 15.66 17.62
N ILE A 82 18.20 15.36 17.99
CA ILE A 82 17.90 14.07 18.56
C ILE A 82 18.17 12.83 17.63
N ALA A 83 18.38 13.06 16.33
CA ALA A 83 18.77 11.98 15.40
C ALA A 83 20.08 11.31 15.81
N LEU A 84 20.96 12.08 16.43
CA LEU A 84 22.24 11.53 16.89
C LEU A 84 21.98 10.35 17.78
N GLU A 85 20.88 10.39 18.53
CA GLU A 85 20.50 9.28 19.41
C GLU A 85 19.60 8.21 18.82
N CYS A 86 19.01 8.43 17.65
CA CYS A 86 17.97 7.53 17.15
C CYS A 86 18.54 6.52 16.15
N GLY A 87 19.74 6.77 15.67
CA GLY A 87 20.28 6.05 14.53
C GLY A 87 19.34 6.02 13.33
N ALA A 88 18.56 7.08 13.15
CA ALA A 88 17.70 7.18 11.97
C ALA A 88 17.42 8.65 11.62
N VAL A 89 17.20 8.90 10.33
CA VAL A 89 16.96 10.25 9.84
C VAL A 89 15.65 10.26 9.05
N ASN A 90 14.73 11.15 9.39
CA ASN A 90 13.61 11.30 8.51
C ASN A 90 13.64 12.60 7.69
N THR A 91 14.61 13.47 7.97
CA THR A 91 14.62 14.77 7.38
C THR A 91 16.00 15.17 6.93
N LEU A 92 16.08 15.62 5.67
CA LEU A 92 17.34 15.92 5.05
C LEU A 92 17.40 17.36 4.53
N VAL A 93 18.54 18.00 4.73
CA VAL A 93 18.66 19.42 4.41
C VAL A 93 20.04 19.70 3.93
N LEU A 94 20.13 20.39 2.80
CA LEU A 94 21.41 20.80 2.23
C LEU A 94 21.87 22.10 2.90
N GLU A 95 22.91 21.98 3.71
CA GLU A 95 23.46 23.15 4.42
C GLU A 95 24.88 23.39 4.00
N ASN A 96 25.10 24.54 3.36
CA ASN A 96 26.41 24.93 2.87
C ASN A 96 27.21 23.76 2.31
N ASP A 97 26.62 23.13 1.30
CA ASP A 97 27.25 21.99 0.59
C ASP A 97 27.40 20.71 1.45
N GLU A 98 26.78 20.68 2.63
CA GLU A 98 26.70 19.47 3.44
C GLU A 98 25.27 18.90 3.49
N LEU A 99 25.13 17.59 3.28
CA LEU A 99 23.89 16.89 3.58
C LEU A 99 23.68 16.66 5.09
N VAL A 100 22.72 17.36 5.66
CA VAL A 100 22.47 17.30 7.08
C VAL A 100 21.20 16.52 7.41
N GLY A 101 21.32 15.63 8.40
CA GLY A 101 20.23 14.77 8.81
C GLY A 101 19.58 15.12 10.15
N TYR A 102 18.24 15.13 10.16
CA TYR A 102 17.47 15.30 11.37
C TYR A 102 16.49 14.17 11.51
N ASN A 103 15.94 14.03 12.71
CA ASN A 103 14.83 13.11 12.91
C ASN A 103 13.72 13.79 13.70
N THR A 104 12.55 13.92 13.10
CA THR A 104 11.44 14.61 13.73
C THR A 104 10.40 13.65 14.32
N ASP A 105 10.59 12.35 14.05
CA ASP A 105 9.68 11.27 14.51
C ASP A 105 9.45 11.21 16.00
N ALA A 106 10.53 11.30 16.75
CA ALA A 106 10.45 11.22 18.21
C ALA A 106 9.50 12.30 18.76
N LEU A 107 9.64 13.50 18.23
CA LEU A 107 8.93 14.67 18.69
C LEU A 107 7.52 14.73 18.12
N GLY A 108 7.35 14.30 16.86
CA GLY A 108 6.04 14.28 16.23
C GLY A 108 5.14 13.33 16.96
N PHE A 109 5.71 12.16 17.28
CA PHE A 109 4.99 11.15 18.04
C PHE A 109 4.63 11.66 19.40
N TYR A 110 5.63 12.15 20.10
CA TYR A 110 5.38 12.68 21.39
C TYR A 110 4.20 13.69 21.35
N LEU A 111 4.32 14.70 20.50
CA LEU A 111 3.27 15.73 20.34
C LEU A 111 1.90 15.17 19.95
N SER A 112 1.88 13.99 19.34
CA SER A 112 0.63 13.40 18.86
C SER A 112 -0.18 12.77 19.97
N LEU A 113 0.45 12.48 21.10
CA LEU A 113 -0.26 11.93 22.25
C LEU A 113 -0.92 13.04 23.09
N LYS A 114 -2.20 12.84 23.45
CA LYS A 114 -2.83 13.66 24.51
C LYS A 114 -2.62 13.16 25.96
N TYR A 118 0.89 7.63 30.68
CA TYR A 118 1.31 6.28 30.31
C TYR A 118 2.63 5.90 30.99
N GLN A 119 2.65 4.77 31.71
CA GLN A 119 3.85 4.33 32.52
C GLN A 119 4.86 3.41 31.77
N ASN A 120 4.36 2.67 30.78
CA ASN A 120 5.20 1.77 29.98
C ASN A 120 4.58 1.47 28.63
N ALA A 121 5.36 0.83 27.77
CA ALA A 121 5.08 0.81 26.37
C ALA A 121 5.65 -0.46 25.82
N LEU A 122 4.89 -1.11 24.93
CA LEU A 122 5.44 -2.15 24.09
C LEU A 122 5.55 -1.62 22.65
N ILE A 123 6.75 -1.68 22.08
CA ILE A 123 6.94 -1.21 20.71
C ILE A 123 7.11 -2.44 19.88
N LEU A 124 6.28 -2.56 18.84
CA LEU A 124 6.44 -3.63 17.87
C LEU A 124 7.23 -3.10 16.71
N GLY A 125 8.30 -3.77 16.38
CA GLY A 125 9.07 -3.36 15.19
C GLY A 125 10.47 -2.91 15.53
N ALA A 126 11.32 -2.84 14.53
CA ALA A 126 12.70 -2.52 14.80
C ALA A 126 13.44 -1.68 13.78
N GLY A 127 12.73 -1.10 12.82
CA GLY A 127 13.36 -0.19 11.90
C GLY A 127 13.52 1.21 12.51
N GLY A 128 13.66 2.21 11.63
CA GLY A 128 14.07 3.55 12.06
C GLY A 128 13.01 4.18 12.93
N SER A 129 11.75 3.85 12.63
CA SER A 129 10.59 4.38 13.38
C SER A 129 10.66 3.88 14.82
N ALA A 130 10.81 2.59 14.98
CA ALA A 130 10.75 1.99 16.29
C ALA A 130 11.90 2.53 17.14
N LYS A 131 13.05 2.80 16.50
CA LYS A 131 14.19 3.31 17.21
C LYS A 131 13.89 4.70 17.78
N ALA A 132 13.29 5.53 16.96
CA ALA A 132 13.06 6.91 17.35
C ALA A 132 12.04 6.98 18.47
N LEU A 133 10.99 6.16 18.40
CA LEU A 133 9.96 6.12 19.49
C LEU A 133 10.50 5.57 20.81
N ALA A 134 11.35 4.56 20.71
CA ALA A 134 12.03 4.00 21.87
C ALA A 134 12.85 5.07 22.52
N CYS A 135 13.65 5.76 21.71
CA CYS A 135 14.43 6.88 22.18
C CYS A 135 13.54 7.88 22.90
N GLU A 136 12.49 8.31 22.25
CA GLU A 136 11.57 9.25 22.84
C GLU A 136 10.87 8.75 24.14
N LEU A 137 10.53 7.48 24.22
CA LEU A 137 9.80 7.04 25.38
C LEU A 137 10.72 6.83 26.55
N LYS A 138 11.98 6.47 26.28
CA LYS A 138 12.98 6.39 27.36
C LYS A 138 13.20 7.75 28.00
N LYS A 139 13.34 8.78 27.18
CA LYS A 139 13.49 10.15 27.69
C LYS A 139 12.33 10.55 28.58
N GLN A 140 11.13 10.13 28.23
CA GLN A 140 9.94 10.50 29.02
C GLN A 140 9.84 9.73 30.31
N GLY A 141 10.79 8.84 30.56
CA GLY A 141 10.77 8.00 31.73
C GLY A 141 9.76 6.85 31.71
N LEU A 142 9.29 6.46 30.54
CA LEU A 142 8.51 5.24 30.45
C LEU A 142 9.45 4.05 30.51
N GLN A 143 8.94 2.93 31.03
CA GLN A 143 9.56 1.64 30.80
C GLN A 143 9.14 1.14 29.43
N VAL A 144 10.10 0.64 28.68
CA VAL A 144 9.89 0.33 27.29
C VAL A 144 10.40 -1.06 26.99
N SER A 145 9.58 -1.81 26.29
CA SER A 145 9.87 -3.13 25.85
C SER A 145 9.80 -3.08 24.34
N VAL A 146 10.67 -3.82 23.68
CA VAL A 146 10.62 -3.94 22.24
C VAL A 146 10.42 -5.39 21.83
N LEU A 147 9.46 -5.62 20.95
CA LEU A 147 9.19 -6.94 20.47
C LEU A 147 9.46 -7.08 19.01
N ASN A 148 10.38 -7.97 18.67
CA ASN A 148 10.63 -8.32 17.29
C ASN A 148 10.74 -9.76 16.96
N ARG A 149 10.80 -10.03 15.66
CA ARG A 149 10.92 -11.37 15.12
C ARG A 149 12.39 -11.90 15.12
N SER A 150 13.36 -10.99 15.21
CA SER A 150 14.78 -11.34 15.10
C SER A 150 15.68 -10.47 15.97
N SER A 151 17.00 -10.65 15.83
CA SER A 151 17.98 -9.88 16.59
C SER A 151 18.41 -8.59 15.85
N ARG A 152 17.47 -8.01 15.11
CA ARG A 152 17.72 -6.83 14.32
C ARG A 152 17.66 -5.59 15.20
N GLY A 153 18.74 -4.80 15.16
CA GLY A 153 18.81 -3.56 15.90
C GLY A 153 18.69 -3.78 17.38
N LEU A 154 19.10 -4.95 17.83
CA LEU A 154 19.03 -5.29 19.26
C LEU A 154 20.03 -4.42 20.00
N ASP A 155 21.26 -4.43 19.52
CA ASP A 155 22.34 -3.67 20.12
C ASP A 155 21.98 -2.22 20.47
N PHE A 156 21.41 -1.51 19.52
CA PHE A 156 20.84 -0.16 19.73
C PHE A 156 19.74 -0.04 20.85
N PHE A 157 18.76 -0.93 20.82
CA PHE A 157 17.71 -0.91 21.84
C PHE A 157 18.24 -1.24 23.25
N GLN A 158 19.32 -2.01 23.32
CA GLN A 158 19.87 -2.37 24.61
C GLN A 158 20.78 -1.31 25.19
N ARG A 159 21.55 -0.64 24.33
CA ARG A 159 22.26 0.57 24.78
C ARG A 159 21.30 1.65 25.27
N LEU A 160 20.16 1.77 24.60
CA LEU A 160 19.10 2.67 25.07
C LEU A 160 18.61 2.36 26.49
N GLY A 161 18.79 1.12 26.98
CA GLY A 161 18.14 0.66 28.21
C GLY A 161 16.75 0.02 28.05
N CYS A 162 16.40 -0.41 26.85
CA CYS A 162 15.09 -1.03 26.63
C CYS A 162 15.13 -2.48 27.07
N ASP A 163 13.97 -3.10 27.28
CA ASP A 163 13.90 -4.55 27.34
C ASP A 163 13.52 -5.15 25.98
N CYS A 164 14.40 -5.95 25.45
CA CYS A 164 14.13 -6.54 24.15
C CYS A 164 13.61 -7.94 24.25
N PHE A 165 12.63 -8.23 23.41
CA PHE A 165 11.97 -9.50 23.42
C PHE A 165 11.85 -9.93 21.98
N MET A 166 11.88 -11.25 21.78
CA MET A 166 11.56 -11.84 20.50
C MET A 166 10.34 -12.74 20.67
N GLU A 167 10.09 -13.15 21.91
CA GLU A 167 8.91 -13.89 22.34
C GLU A 167 8.09 -12.98 23.27
N PRO A 168 6.75 -12.93 23.06
CA PRO A 168 5.88 -11.91 23.70
C PRO A 168 5.89 -11.92 25.22
N PRO A 169 6.33 -10.81 25.84
CA PRO A 169 6.41 -10.80 27.30
C PRO A 169 5.02 -10.89 27.95
N LYS A 170 4.90 -11.72 28.98
CA LYS A 170 3.63 -11.91 29.66
C LYS A 170 3.43 -10.81 30.72
N SER A 171 2.86 -9.72 30.23
CA SER A 171 3.00 -8.46 30.89
C SER A 171 1.94 -7.48 30.35
N ALA A 172 1.48 -6.58 31.20
CA ALA A 172 0.56 -5.53 30.78
C ALA A 172 1.32 -4.28 30.28
N PHE A 173 0.81 -3.62 29.26
CA PHE A 173 1.41 -2.32 28.79
C PHE A 173 0.36 -1.29 28.60
N ASP A 174 0.63 -0.06 29.01
CA ASP A 174 -0.31 1.03 28.79
C ASP A 174 -0.38 1.32 27.29
N LEU A 175 0.78 1.42 26.65
CA LEU A 175 0.89 1.82 25.25
C LEU A 175 1.33 0.62 24.41
N ILE A 176 0.57 0.29 23.37
CA ILE A 176 1.02 -0.73 22.44
C ILE A 176 1.18 -0.10 21.08
N ILE A 177 2.42 -0.08 20.61
CA ILE A 177 2.75 0.66 19.44
C ILE A 177 3.23 -0.22 18.27
N ASN A 178 2.49 -0.14 17.18
CA ASN A 178 2.86 -0.77 15.96
C ASN A 178 3.79 0.09 15.10
N ALA A 179 5.09 -0.22 15.12
CA ALA A 179 6.05 0.39 14.21
C ALA A 179 6.65 -0.63 13.22
N THR A 180 5.91 -1.70 12.91
CA THR A 180 6.39 -2.63 11.88
C THR A 180 5.84 -2.15 10.55
N SER A 181 6.14 -2.88 9.49
CA SER A 181 5.63 -2.54 8.16
C SER A 181 4.37 -3.30 7.85
N ALA A 182 3.84 -4.00 8.84
CA ALA A 182 2.76 -4.95 8.62
C ALA A 182 1.51 -4.30 8.07
N SER A 183 1.10 -3.19 8.66
CA SER A 183 -0.22 -2.56 8.32
C SER A 183 -0.27 -2.09 6.88
N LEU A 184 0.88 -1.57 6.44
CA LEU A 184 1.14 -1.16 5.07
C LEU A 184 0.95 -2.30 4.06
N HIS A 185 1.06 -3.54 4.53
CA HIS A 185 0.80 -4.72 3.68
C HIS A 185 -0.47 -5.34 4.12
N ASN A 186 -1.31 -4.56 4.80
CA ASN A 186 -2.59 -5.06 5.31
C ASN A 186 -2.46 -6.39 6.03
N GLU A 187 -1.51 -6.48 6.95
CA GLU A 187 -1.53 -7.60 7.85
C GLU A 187 -1.23 -7.21 9.28
N LEU A 188 -1.40 -8.15 10.20
CA LEU A 188 -1.08 -7.96 11.62
C LEU A 188 0.43 -8.00 11.86
N PRO A 189 0.90 -7.24 12.87
CA PRO A 189 2.26 -7.35 13.31
C PRO A 189 2.51 -8.50 14.32
N LEU A 190 1.44 -9.14 14.82
CA LEU A 190 1.58 -10.20 15.84
C LEU A 190 0.40 -11.16 15.81
N ASN A 191 0.62 -12.39 16.31
CA ASN A 191 -0.45 -13.36 16.44
C ASN A 191 -1.68 -12.69 17.01
N LYS A 192 -2.84 -12.96 16.42
CA LYS A 192 -4.09 -12.28 16.82
C LYS A 192 -4.39 -12.38 18.34
N GLU A 193 -4.24 -13.56 18.92
CA GLU A 193 -4.65 -13.79 20.31
C GLU A 193 -3.65 -13.17 21.28
N VAL A 194 -2.36 -13.19 20.94
CA VAL A 194 -1.38 -12.47 21.75
C VAL A 194 -1.85 -11.02 21.90
N LEU A 195 -2.19 -10.43 20.76
CA LEU A 195 -2.41 -9.00 20.66
C LEU A 195 -3.73 -8.66 21.36
N LYS A 196 -4.73 -9.56 21.25
CA LYS A 196 -5.95 -9.47 22.07
C LYS A 196 -5.59 -9.40 23.56
N GLY A 197 -4.61 -10.19 23.96
CA GLY A 197 -4.13 -10.19 25.34
C GLY A 197 -3.65 -8.82 25.78
N TYR A 198 -2.81 -8.19 24.97
CA TYR A 198 -2.33 -6.85 25.27
C TYR A 198 -3.42 -5.76 25.21
N PHE A 199 -4.32 -5.89 24.25
CA PHE A 199 -5.39 -4.93 24.10
C PHE A 199 -6.39 -4.93 25.25
N LYS A 200 -6.67 -6.08 25.85
CA LYS A 200 -7.51 -6.13 27.05
C LYS A 200 -6.90 -5.32 28.20
N GLU A 201 -5.58 -5.29 28.24
CA GLU A 201 -4.86 -4.76 29.38
C GLU A 201 -4.38 -3.33 29.13
N GLY A 202 -4.50 -2.86 27.90
CA GLY A 202 -3.77 -1.66 27.49
C GLY A 202 -4.60 -0.41 27.59
N LYS A 203 -3.96 0.74 27.55
CA LYS A 203 -4.70 1.99 27.58
C LYS A 203 -4.71 2.66 26.23
N LEU A 204 -3.73 2.34 25.37
CA LEU A 204 -3.74 2.84 23.97
C LEU A 204 -3.06 1.91 22.93
N ALA A 205 -3.82 1.54 21.90
CA ALA A 205 -3.25 0.86 20.72
C ALA A 205 -2.98 1.91 19.66
N TYR A 206 -1.72 2.07 19.31
CA TYR A 206 -1.27 3.14 18.46
C TYR A 206 -0.56 2.51 17.28
N ASP A 207 -0.95 2.95 16.09
CA ASP A 207 -0.37 2.50 14.85
C ASP A 207 0.21 3.73 14.12
N LEU A 208 1.44 3.62 13.64
CA LEU A 208 2.06 4.70 12.88
C LEU A 208 1.56 4.80 11.44
N ALA A 209 1.08 3.71 10.87
CA ALA A 209 0.43 3.77 9.57
C ALA A 209 -0.83 4.62 9.67
N TYR A 210 -1.21 5.25 8.56
CA TYR A 210 -2.31 6.23 8.59
C TYR A 210 -3.32 6.06 7.46
N GLY A 211 -4.54 6.52 7.69
CA GLY A 211 -5.57 6.62 6.65
C GLY A 211 -6.11 5.37 5.94
N PHE A 212 -5.96 4.20 6.57
CA PHE A 212 -7.07 3.18 6.58
C PHE A 212 -7.12 2.43 7.94
N LEU A 213 -8.29 1.88 8.27
CA LEU A 213 -8.41 1.08 9.49
C LEU A 213 -7.57 -0.19 9.42
N THR A 214 -6.36 -0.16 9.94
CA THR A 214 -5.43 -1.27 9.78
C THR A 214 -5.94 -2.51 10.54
N PRO A 215 -5.43 -3.70 10.22
CA PRO A 215 -5.81 -4.89 10.97
C PRO A 215 -5.54 -4.71 12.48
N PHE A 216 -4.36 -4.20 12.82
CA PHE A 216 -3.99 -3.85 14.21
C PHE A 216 -5.01 -2.95 14.95
N LEU A 217 -5.33 -1.80 14.35
CA LEU A 217 -6.37 -0.89 14.88
C LEU A 217 -7.78 -1.47 14.87
N SER A 218 -8.09 -2.22 13.82
CA SER A 218 -9.37 -2.89 13.69
C SER A 218 -9.62 -3.88 14.84
N LEU A 219 -8.61 -4.68 15.14
CA LEU A 219 -8.70 -5.58 16.27
C LEU A 219 -8.87 -4.79 17.58
N ALA A 220 -8.23 -3.64 17.72
CA ALA A 220 -8.32 -2.90 18.99
C ALA A 220 -9.72 -2.32 19.15
N LYS A 221 -10.27 -1.89 18.01
CA LYS A 221 -11.56 -1.32 17.91
C LYS A 221 -12.66 -2.33 18.27
N GLU A 222 -12.58 -3.51 17.64
CA GLU A 222 -13.48 -4.63 17.91
C GLU A 222 -13.51 -4.99 19.40
N LEU A 223 -12.40 -4.76 20.09
CA LEU A 223 -12.24 -5.08 21.50
C LEU A 223 -12.47 -3.92 22.46
N LYS A 224 -12.78 -2.73 21.95
CA LYS A 224 -13.09 -1.55 22.80
C LYS A 224 -11.88 -0.89 23.47
N THR A 225 -10.69 -1.19 22.98
CA THR A 225 -9.47 -0.49 23.39
C THR A 225 -9.36 0.85 22.65
N PRO A 226 -8.96 1.94 23.35
CA PRO A 226 -8.70 3.20 22.66
C PRO A 226 -7.59 3.05 21.62
N PHE A 227 -7.78 3.68 20.49
CA PHE A 227 -6.89 3.43 19.40
C PHE A 227 -6.62 4.73 18.65
N GLN A 228 -5.48 4.80 18.00
CA GLN A 228 -5.07 6.00 17.32
C GLN A 228 -4.15 5.59 16.18
N ASP A 229 -4.39 6.13 14.98
CA ASP A 229 -3.51 5.88 13.81
C ASP A 229 -2.50 7.03 13.68
N GLY A 230 -1.61 6.98 12.70
CA GLY A 230 -0.46 7.88 12.68
C GLY A 230 -0.68 9.20 11.94
N LYS A 231 -1.94 9.56 11.71
CA LYS A 231 -2.25 10.77 10.97
C LYS A 231 -1.76 12.07 11.66
N ASP A 232 -1.95 12.16 12.98
CA ASP A 232 -1.50 13.31 13.78
C ASP A 232 0.03 13.35 13.91
N MET A 233 0.65 12.19 14.15
CA MET A 233 2.09 12.10 14.08
C MET A 233 2.60 12.60 12.73
N LEU A 234 1.92 12.19 11.66
CA LEU A 234 2.26 12.60 10.28
C LEU A 234 2.25 14.14 10.10
N ILE A 235 1.17 14.78 10.53
CA ILE A 235 1.10 16.21 10.48
C ILE A 235 2.19 16.94 11.33
N TYR A 236 2.37 16.50 12.57
CA TYR A 236 3.47 16.96 13.42
C TYR A 236 4.90 16.76 12.87
N ASN A 237 5.26 15.55 12.42
CA ASN A 237 6.56 15.32 11.78
C ASN A 237 6.76 16.24 10.62
N ALA A 238 5.72 16.37 9.81
CA ALA A 238 5.82 17.14 8.62
C ALA A 238 6.01 18.60 8.96
N ALA A 239 5.22 19.08 9.90
CA ALA A 239 5.37 20.43 10.38
C ALA A 239 6.76 20.65 10.97
N LEU A 240 7.29 19.66 11.72
CA LEU A 240 8.65 19.83 12.21
C LEU A 240 9.69 19.78 11.08
N SER A 241 9.41 19.02 10.02
CA SER A 241 10.27 18.97 8.86
C SER A 241 10.24 20.30 8.11
N PHE A 242 9.05 20.83 7.93
CA PHE A 242 8.92 22.06 7.22
C PHE A 242 9.68 23.21 7.92
N GLU A 243 9.56 23.26 9.25
CA GLU A 243 10.40 24.17 10.06
C GLU A 243 11.88 24.19 9.63
N LYS A 244 12.51 23.03 9.51
CA LYS A 244 13.90 22.96 9.00
C LYS A 244 14.02 23.33 7.51
N PHE A 245 13.07 22.89 6.68
CA PHE A 245 13.08 23.29 5.25
C PHE A 245 12.98 24.80 5.07
N SER A 246 12.37 25.46 6.04
CA SER A 246 12.31 26.89 6.04
C SER A 246 13.55 27.48 6.74
N ALA A 247 14.58 26.65 6.91
CA ALA A 247 15.78 27.08 7.65
C ALA A 247 15.34 27.88 8.89
N SER A 248 14.31 27.37 9.57
CA SER A 248 13.90 27.82 10.88
C SER A 248 13.25 29.20 10.89
N GLN A 249 12.79 29.66 9.73
CA GLN A 249 11.99 30.86 9.68
C GLN A 249 10.54 30.66 10.11
N ILE A 250 9.93 29.53 9.70
CA ILE A 250 8.53 29.25 10.03
C ILE A 250 8.47 28.28 11.19
N PRO A 251 7.82 28.66 12.33
CA PRO A 251 7.75 27.66 13.42
C PRO A 251 6.81 26.52 13.08
N TYR A 252 7.03 25.38 13.71
CA TYR A 252 6.31 24.17 13.31
C TYR A 252 4.82 24.29 13.56
N SER A 253 4.45 25.15 14.52
CA SER A 253 3.05 25.29 14.97
C SER A 253 2.22 25.98 13.89
N LYS A 254 2.86 26.88 13.14
CA LYS A 254 2.22 27.55 11.99
C LYS A 254 2.07 26.64 10.77
N ALA A 255 3.15 25.91 10.44
CA ALA A 255 3.07 24.85 9.46
C ALA A 255 1.99 23.85 9.86
N PHE A 256 1.97 23.47 11.13
CA PHE A 256 0.99 22.50 11.61
C PHE A 256 -0.45 22.91 11.24
N GLU A 257 -0.81 24.15 11.54
CA GLU A 257 -2.16 24.69 11.38
C GLU A 257 -2.60 24.56 9.93
N VAL A 258 -1.73 24.98 9.03
CA VAL A 258 -1.94 24.86 7.58
C VAL A 258 -2.03 23.43 7.08
N MET A 259 -1.12 22.58 7.54
CA MET A 259 -1.11 21.17 7.14
C MET A 259 -2.35 20.45 7.62
N ARG A 260 -2.75 20.67 8.86
CA ARG A 260 -3.86 19.94 9.43
C ARG A 260 -5.09 20.26 8.60
N SER A 261 -5.23 21.55 8.27
CA SER A 261 -6.39 22.04 7.56
C SER A 261 -6.43 21.56 6.11
N VAL A 262 -5.29 21.53 5.43
CA VAL A 262 -5.31 20.96 4.08
C VAL A 262 -5.58 19.49 4.15
N PHE A 263 -5.06 18.83 5.17
CA PHE A 263 -5.28 17.40 5.35
C PHE A 263 -6.73 17.05 5.74
N MET B 1 16.72 -30.66 -6.98
CA MET B 1 15.34 -30.18 -7.30
C MET B 1 15.39 -28.72 -7.85
N LYS B 2 14.77 -28.49 -9.00
CA LYS B 2 14.79 -27.17 -9.62
C LYS B 2 14.08 -26.07 -8.78
N LEU B 3 14.28 -24.82 -9.18
CA LEU B 3 13.66 -23.69 -8.53
C LEU B 3 13.11 -22.78 -9.62
N LYS B 4 11.85 -22.39 -9.49
CA LYS B 4 11.27 -21.43 -10.39
C LYS B 4 10.72 -20.18 -9.63
N SER B 5 10.91 -18.99 -10.24
CA SER B 5 10.38 -17.71 -9.74
C SER B 5 9.10 -17.27 -10.44
N PHE B 6 8.25 -16.58 -9.66
CA PHE B 6 7.02 -16.02 -10.13
C PHE B 6 6.80 -14.78 -9.30
N GLY B 7 5.91 -13.91 -9.75
CA GLY B 7 5.50 -12.80 -8.92
C GLY B 7 4.23 -12.17 -9.41
N VAL B 8 3.88 -11.03 -8.80
CA VAL B 8 2.75 -10.23 -9.27
C VAL B 8 3.29 -8.76 -9.49
N PHE B 9 3.16 -8.23 -10.71
CA PHE B 9 3.47 -6.82 -11.02
C PHE B 9 2.30 -5.93 -10.78
N GLY B 10 2.56 -4.80 -10.12
CA GLY B 10 1.53 -3.86 -9.86
C GLY B 10 2.08 -2.60 -9.28
N ASN B 11 1.23 -1.60 -9.20
CA ASN B 11 1.62 -0.36 -8.57
C ASN B 11 0.31 0.36 -8.27
N PRO B 12 -0.17 0.24 -7.02
CA PRO B 12 0.55 -0.37 -5.88
C PRO B 12 0.35 -1.89 -5.75
N ILE B 13 1.25 -2.53 -5.01
CA ILE B 13 1.16 -3.96 -4.80
C ILE B 13 1.27 -4.37 -3.33
N LYS B 14 1.69 -3.45 -2.46
CA LYS B 14 1.83 -3.74 -1.03
C LYS B 14 0.67 -4.61 -0.42
N HIS B 15 -0.56 -4.28 -0.79
CA HIS B 15 -1.76 -4.92 -0.26
C HIS B 15 -1.95 -6.37 -0.71
N SER B 16 -1.18 -6.81 -1.73
CA SER B 16 -1.44 -8.07 -2.47
C SER B 16 -1.45 -9.31 -1.56
N LYS B 17 -2.38 -10.24 -1.82
CA LYS B 17 -2.39 -11.54 -1.13
C LYS B 17 -2.14 -12.67 -2.12
N SER B 18 -1.84 -12.33 -3.36
CA SER B 18 -1.32 -13.30 -4.33
C SER B 18 -0.10 -14.09 -3.82
N PRO B 19 0.87 -13.42 -3.15
CA PRO B 19 1.98 -14.27 -2.71
C PRO B 19 1.58 -15.32 -1.62
N LEU B 20 0.89 -14.89 -0.56
CA LEU B 20 0.43 -15.85 0.47
C LEU B 20 -0.21 -17.10 -0.18
N ILE B 21 -1.15 -16.89 -1.12
CA ILE B 21 -1.95 -17.98 -1.62
C ILE B 21 -1.23 -18.81 -2.66
N HIS B 22 -0.42 -18.18 -3.50
CA HIS B 22 0.39 -18.91 -4.47
C HIS B 22 1.54 -19.69 -3.79
N ASN B 23 2.22 -19.05 -2.86
CA ASN B 23 3.27 -19.73 -2.11
C ASN B 23 2.77 -20.92 -1.33
N ALA B 24 1.53 -20.86 -0.81
CA ALA B 24 0.93 -21.99 -0.02
C ALA B 24 0.69 -23.22 -0.89
N CYS B 25 0.27 -22.97 -2.14
CA CYS B 25 0.21 -23.97 -3.17
C CYS B 25 1.57 -24.48 -3.57
N PHE B 26 2.51 -23.58 -3.83
CA PHE B 26 3.86 -24.05 -4.20
C PHE B 26 4.46 -25.00 -3.11
N LEU B 27 4.19 -24.69 -1.85
CA LEU B 27 4.72 -25.45 -0.72
C LEU B 27 3.96 -26.76 -0.54
N THR B 28 2.62 -26.70 -0.63
CA THR B 28 1.74 -27.90 -0.55
C THR B 28 2.02 -28.93 -1.65
N PHE B 29 2.45 -28.45 -2.81
CA PHE B 29 2.54 -29.28 -3.98
C PHE B 29 3.97 -29.47 -4.41
N GLN B 30 4.92 -29.07 -3.59
CA GLN B 30 6.33 -29.24 -3.95
C GLN B 30 6.73 -30.69 -4.34
N LYS B 31 6.40 -31.65 -3.47
CA LYS B 31 6.68 -33.08 -3.75
C LYS B 31 6.15 -33.52 -5.11
N GLU B 32 4.86 -33.30 -5.35
CA GLU B 32 4.21 -33.74 -6.59
C GLU B 32 4.77 -32.96 -7.81
N LEU B 33 5.04 -31.67 -7.62
CA LEU B 33 5.37 -30.75 -8.73
C LEU B 33 6.70 -31.02 -9.43
N ARG B 34 7.69 -31.52 -8.69
CA ARG B 34 9.05 -31.61 -9.22
C ARG B 34 9.97 -30.53 -8.63
N PHE B 35 9.39 -29.35 -8.36
CA PHE B 35 10.18 -28.13 -8.15
C PHE B 35 9.57 -27.24 -7.06
N LEU B 36 10.39 -26.40 -6.43
CA LEU B 36 9.88 -25.40 -5.50
C LEU B 36 9.70 -24.09 -6.24
N GLY B 37 8.46 -23.64 -6.29
CA GLY B 37 8.15 -22.33 -6.83
C GLY B 37 8.13 -21.32 -5.70
N HIS B 38 8.58 -20.11 -5.99
CA HIS B 38 8.36 -19.04 -5.05
C HIS B 38 7.75 -17.83 -5.77
N TYR B 39 6.88 -17.12 -5.04
CA TYR B 39 6.05 -16.08 -5.60
C TYR B 39 6.24 -14.80 -4.79
N HIS B 40 6.59 -13.72 -5.49
CA HIS B 40 6.95 -12.43 -4.88
C HIS B 40 6.05 -11.34 -5.37
N PRO B 41 5.80 -10.31 -4.51
CA PRO B 41 5.19 -9.08 -5.02
C PRO B 41 6.25 -8.19 -5.70
N ILE B 42 5.91 -7.62 -6.84
CA ILE B 42 6.86 -6.85 -7.63
C ILE B 42 6.29 -5.51 -7.96
N LEU B 43 6.76 -4.52 -7.25
CA LEU B 43 6.35 -3.19 -7.40
C LEU B 43 7.11 -2.61 -8.61
N LEU B 44 6.35 -2.18 -9.60
CA LEU B 44 6.90 -1.72 -10.86
C LEU B 44 6.62 -0.25 -10.92
N PRO B 45 7.67 0.57 -10.94
CA PRO B 45 7.44 1.98 -11.32
C PRO B 45 6.60 2.02 -12.58
N LEU B 46 5.72 3.00 -12.66
CA LEU B 46 4.77 3.25 -13.75
C LEU B 46 5.33 3.24 -15.19
N GLU B 47 6.55 3.74 -15.35
CA GLU B 47 7.12 3.92 -16.65
C GLU B 47 7.94 2.69 -17.05
N SER B 48 8.02 1.72 -16.14
CA SER B 48 8.69 0.43 -16.37
C SER B 48 8.01 -0.45 -17.45
N HIS B 49 8.84 -1.29 -18.08
CA HIS B 49 8.42 -2.20 -19.16
C HIS B 49 8.37 -3.60 -18.58
N ILE B 50 7.19 -4.18 -18.55
CA ILE B 50 6.89 -5.35 -17.77
C ILE B 50 7.58 -6.60 -18.34
N LYS B 51 7.67 -6.66 -19.67
CA LYS B 51 8.34 -7.73 -20.40
C LYS B 51 9.79 -7.74 -20.05
N SER B 52 10.44 -6.60 -20.19
CA SER B 52 11.86 -6.53 -19.88
C SER B 52 12.20 -6.97 -18.42
N GLU B 53 11.39 -6.56 -17.46
CA GLU B 53 11.50 -6.98 -16.04
C GLU B 53 11.17 -8.47 -15.81
N PHE B 54 10.16 -8.97 -16.52
CA PHE B 54 9.86 -10.40 -16.55
C PHE B 54 11.10 -11.23 -16.96
N LEU B 55 11.74 -10.85 -18.06
CA LEU B 55 12.93 -11.55 -18.52
C LEU B 55 14.09 -11.34 -17.58
N HIS B 56 14.32 -10.08 -17.20
CA HIS B 56 15.46 -9.75 -16.36
C HIS B 56 15.45 -10.49 -15.04
N LEU B 57 14.27 -10.73 -14.48
CA LEU B 57 14.15 -11.39 -13.19
C LEU B 57 14.13 -12.92 -13.31
N GLY B 58 14.13 -13.45 -14.52
CA GLY B 58 14.14 -14.91 -14.71
C GLY B 58 12.85 -15.65 -14.33
N LEU B 59 11.72 -14.96 -14.42
CA LEU B 59 10.43 -15.52 -13.99
C LEU B 59 9.95 -16.65 -14.88
N SER B 60 9.22 -17.62 -14.33
CA SER B 60 8.60 -18.63 -15.18
C SER B 60 7.14 -18.24 -15.48
N GLY B 61 6.59 -17.39 -14.62
CA GLY B 61 5.27 -16.86 -14.83
C GLY B 61 5.03 -15.72 -13.88
N ALA B 62 3.95 -15.00 -14.12
CA ALA B 62 3.57 -13.84 -13.31
C ALA B 62 2.11 -13.50 -13.47
N ASN B 63 1.57 -12.81 -12.49
CA ASN B 63 0.33 -12.12 -12.68
C ASN B 63 0.61 -10.64 -12.78
N VAL B 64 -0.39 -9.92 -13.27
CA VAL B 64 -0.27 -8.54 -13.60
C VAL B 64 -1.54 -7.93 -13.11
N THR B 65 -1.47 -6.94 -12.23
CA THR B 65 -2.66 -6.22 -11.88
C THR B 65 -2.52 -4.74 -12.26
N LEU B 66 -3.42 -3.89 -11.76
CA LEU B 66 -3.42 -2.46 -12.15
C LEU B 66 -2.08 -1.84 -11.85
N PRO B 67 -1.62 -0.88 -12.69
CA PRO B 67 -2.24 -0.38 -13.94
C PRO B 67 -1.60 -0.97 -15.22
N PHE B 68 -1.11 -2.20 -15.13
CA PHE B 68 -0.28 -2.76 -16.17
C PHE B 68 -0.95 -3.74 -17.13
N LYS B 69 -2.26 -4.00 -16.96
CA LYS B 69 -2.86 -5.11 -17.72
C LYS B 69 -2.94 -4.88 -19.23
N GLU B 70 -3.36 -3.67 -19.64
CA GLU B 70 -3.37 -3.34 -21.07
C GLU B 70 -1.94 -3.43 -21.65
N ARG B 71 -0.97 -3.01 -20.86
CA ARG B 71 0.41 -2.95 -21.30
C ARG B 71 0.95 -4.36 -21.49
N ALA B 72 0.57 -5.27 -20.61
CA ALA B 72 1.00 -6.64 -20.70
C ALA B 72 0.51 -7.26 -21.98
N PHE B 73 -0.77 -7.03 -22.28
CA PHE B 73 -1.32 -7.44 -23.55
C PHE B 73 -0.45 -6.98 -24.75
N GLN B 74 -0.03 -5.71 -24.77
CA GLN B 74 0.72 -5.18 -25.92
C GLN B 74 2.03 -5.92 -26.19
N VAL B 75 2.64 -6.48 -25.15
CA VAL B 75 4.04 -6.96 -25.25
C VAL B 75 4.20 -8.48 -25.20
N CYS B 76 3.10 -9.21 -25.07
CA CYS B 76 3.16 -10.65 -25.23
C CYS B 76 3.51 -11.06 -26.69
N ASP B 77 4.34 -12.12 -26.82
CA ASP B 77 4.58 -12.81 -28.10
C ASP B 77 3.31 -13.52 -28.56
N LYS B 78 2.69 -14.24 -27.64
CA LYS B 78 1.41 -14.88 -27.91
C LYS B 78 0.36 -14.48 -26.85
N ILE B 79 -0.90 -14.46 -27.28
CA ILE B 79 -2.07 -14.17 -26.44
C ILE B 79 -3.09 -15.23 -26.74
N LYS B 80 -3.47 -16.00 -25.74
CA LYS B 80 -4.53 -17.00 -25.88
C LYS B 80 -5.81 -16.65 -25.17
N GLY B 81 -6.90 -17.11 -25.75
CA GLY B 81 -8.22 -17.09 -25.10
C GLY B 81 -8.88 -15.74 -25.02
N ILE B 82 -9.79 -15.62 -24.05
CA ILE B 82 -10.59 -14.42 -23.85
C ILE B 82 -9.84 -13.09 -23.82
N ALA B 83 -8.57 -13.07 -23.39
CA ALA B 83 -7.72 -11.87 -23.45
C ALA B 83 -7.74 -11.17 -24.83
N LEU B 84 -7.98 -11.95 -25.87
CA LEU B 84 -8.05 -11.46 -27.23
C LEU B 84 -9.09 -10.37 -27.38
N GLU B 85 -10.26 -10.62 -26.82
CA GLU B 85 -11.39 -9.73 -26.96
C GLU B 85 -11.36 -8.51 -25.98
N CYS B 86 -10.50 -8.53 -24.99
CA CYS B 86 -10.46 -7.36 -24.11
C CYS B 86 -9.18 -6.51 -24.09
N GLY B 87 -8.17 -6.90 -24.86
CA GLY B 87 -6.91 -6.15 -24.84
C GLY B 87 -6.31 -6.07 -23.42
N ALA B 88 -6.48 -7.14 -22.63
CA ALA B 88 -5.87 -7.16 -21.31
C ALA B 88 -5.37 -8.53 -20.87
N VAL B 89 -4.27 -8.54 -20.14
CA VAL B 89 -3.65 -9.76 -19.75
C VAL B 89 -3.46 -9.70 -18.24
N ASN B 90 -3.78 -10.78 -17.53
CA ASN B 90 -3.55 -10.83 -16.09
C ASN B 90 -2.61 -11.94 -15.70
N THR B 91 -2.14 -12.69 -16.70
CA THR B 91 -1.39 -13.91 -16.47
C THR B 91 -0.42 -14.12 -17.61
N LEU B 92 0.84 -14.21 -17.23
CA LEU B 92 1.93 -14.34 -18.16
C LEU B 92 2.65 -15.61 -17.77
N VAL B 93 2.88 -16.46 -18.75
CA VAL B 93 3.55 -17.74 -18.57
C VAL B 93 4.58 -17.80 -19.67
N LEU B 94 5.80 -18.15 -19.29
CA LEU B 94 6.84 -18.44 -20.25
C LEU B 94 6.66 -19.88 -20.81
N GLU B 95 6.27 -19.96 -22.08
CA GLU B 95 6.00 -21.25 -22.74
C GLU B 95 6.88 -21.35 -23.99
N ASN B 96 7.61 -22.47 -24.14
CA ASN B 96 8.67 -22.65 -25.20
C ASN B 96 9.45 -21.37 -25.54
N ASP B 97 10.04 -20.75 -24.52
CA ASP B 97 10.75 -19.46 -24.65
C ASP B 97 9.92 -18.26 -25.06
N GLU B 98 8.60 -18.43 -25.18
CA GLU B 98 7.69 -17.33 -25.59
C GLU B 98 6.91 -16.76 -24.42
N LEU B 99 6.73 -15.44 -24.41
CA LEU B 99 5.93 -14.81 -23.37
C LEU B 99 4.48 -14.88 -23.71
N VAL B 100 3.75 -15.75 -23.03
CA VAL B 100 2.37 -16.01 -23.34
C VAL B 100 1.49 -15.28 -22.30
N GLY B 101 0.45 -14.57 -22.77
CA GLY B 101 -0.51 -13.89 -21.92
C GLY B 101 -1.94 -14.43 -21.98
N TYR B 102 -2.54 -14.66 -20.81
CA TYR B 102 -3.97 -14.96 -20.69
C TYR B 102 -4.65 -13.91 -19.82
N ASN B 103 -5.97 -14.01 -19.75
CA ASN B 103 -6.75 -13.18 -18.88
C ASN B 103 -7.81 -14.01 -18.17
N THR B 104 -7.63 -14.23 -16.89
CA THR B 104 -8.59 -15.07 -16.13
C THR B 104 -9.66 -14.21 -15.42
N ASP B 105 -9.55 -12.87 -15.59
CA ASP B 105 -10.41 -11.96 -14.85
C ASP B 105 -11.90 -12.24 -15.08
N ALA B 106 -12.32 -12.22 -16.34
CA ALA B 106 -13.71 -12.49 -16.73
C ALA B 106 -14.28 -13.75 -16.08
N LEU B 107 -13.51 -14.83 -16.13
CA LEU B 107 -13.93 -16.08 -15.51
C LEU B 107 -13.85 -15.99 -13.98
N GLY B 108 -12.79 -15.40 -13.45
CA GLY B 108 -12.72 -15.13 -12.03
C GLY B 108 -13.92 -14.32 -11.53
N PHE B 109 -14.33 -13.34 -12.34
CA PHE B 109 -15.39 -12.46 -11.98
C PHE B 109 -16.68 -13.24 -11.97
N TYR B 110 -16.85 -14.08 -12.99
CA TYR B 110 -18.06 -14.78 -13.23
C TYR B 110 -18.38 -15.71 -12.04
N LEU B 111 -17.39 -16.52 -11.64
CA LEU B 111 -17.54 -17.43 -10.50
C LEU B 111 -17.84 -16.71 -9.20
N SER B 112 -17.26 -15.52 -9.03
CA SER B 112 -17.32 -14.80 -7.78
C SER B 112 -18.76 -14.32 -7.47
N LEU B 113 -19.63 -14.35 -8.47
CA LEU B 113 -21.02 -13.84 -8.36
C LEU B 113 -22.05 -14.96 -8.20
N LYS B 114 -23.02 -14.75 -7.29
CA LYS B 114 -24.34 -15.44 -7.38
C LYS B 114 -25.50 -14.48 -7.74
N TYR B 118 -29.20 -9.96 -11.97
CA TYR B 118 -28.80 -8.59 -12.33
C TYR B 118 -29.05 -8.32 -13.79
N GLN B 119 -29.66 -7.16 -14.06
CA GLN B 119 -30.13 -6.75 -15.36
C GLN B 119 -29.20 -5.72 -16.06
N ASN B 120 -28.59 -4.84 -15.28
CA ASN B 120 -27.69 -3.80 -15.79
C ASN B 120 -26.60 -3.49 -14.79
N ALA B 121 -25.60 -2.77 -15.23
CA ALA B 121 -24.38 -2.64 -14.47
C ALA B 121 -23.74 -1.36 -14.86
N LEU B 122 -23.22 -0.66 -13.85
CA LEU B 122 -22.35 0.46 -14.03
C LEU B 122 -20.97 0.06 -13.55
N ILE B 123 -19.99 0.15 -14.44
CA ILE B 123 -18.59 -0.04 -14.09
C ILE B 123 -17.92 1.33 -13.99
N LEU B 124 -17.25 1.58 -12.89
CA LEU B 124 -16.41 2.73 -12.77
C LEU B 124 -14.99 2.28 -13.10
N GLY B 125 -14.31 3.05 -13.97
CA GLY B 125 -12.94 2.73 -14.37
C GLY B 125 -12.85 2.36 -15.85
N ALA B 126 -11.63 2.29 -16.35
CA ALA B 126 -11.44 2.05 -17.76
C ALA B 126 -10.13 1.30 -17.99
N GLY B 127 -9.61 0.69 -16.92
CA GLY B 127 -8.46 -0.19 -17.04
C GLY B 127 -8.80 -1.56 -17.58
N GLY B 128 -7.78 -2.40 -17.67
CA GLY B 128 -7.96 -3.81 -18.05
C GLY B 128 -8.99 -4.55 -17.25
N SER B 129 -9.08 -4.28 -15.97
CA SER B 129 -10.13 -4.92 -15.14
C SER B 129 -11.51 -4.57 -15.65
N ALA B 130 -11.72 -3.33 -16.02
CA ALA B 130 -13.03 -2.87 -16.44
C ALA B 130 -13.40 -3.44 -17.81
N LYS B 131 -12.41 -3.56 -18.68
CA LYS B 131 -12.61 -4.17 -20.00
C LYS B 131 -13.01 -5.66 -19.89
N ALA B 132 -12.30 -6.42 -19.07
CA ALA B 132 -12.62 -7.85 -18.91
C ALA B 132 -14.06 -7.98 -18.33
N LEU B 133 -14.36 -7.19 -17.31
CA LEU B 133 -15.70 -7.21 -16.69
C LEU B 133 -16.79 -6.76 -17.63
N ALA B 134 -16.47 -5.77 -18.47
CA ALA B 134 -17.43 -5.30 -19.45
C ALA B 134 -17.74 -6.37 -20.47
N CYS B 135 -16.72 -7.10 -20.92
CA CYS B 135 -16.96 -8.21 -21.87
C CYS B 135 -17.76 -9.32 -21.22
N GLU B 136 -17.44 -9.61 -19.97
CA GLU B 136 -18.13 -10.66 -19.29
C GLU B 136 -19.62 -10.30 -19.15
N LEU B 137 -19.90 -9.06 -18.76
CA LEU B 137 -21.27 -8.68 -18.48
C LEU B 137 -22.10 -8.53 -19.75
N LYS B 138 -21.49 -8.04 -20.82
CA LYS B 138 -22.14 -8.05 -22.14
C LYS B 138 -22.54 -9.45 -22.58
N LYS B 139 -21.63 -10.42 -22.48
CA LYS B 139 -21.95 -11.77 -22.92
C LYS B 139 -23.07 -12.33 -22.04
N GLN B 140 -23.03 -12.01 -20.74
CA GLN B 140 -24.14 -12.31 -19.83
C GLN B 140 -25.49 -11.64 -20.22
N GLY B 141 -25.47 -10.72 -21.17
CA GLY B 141 -26.68 -10.07 -21.65
C GLY B 141 -27.11 -8.90 -20.78
N LEU B 142 -26.26 -8.49 -19.85
CA LEU B 142 -26.54 -7.29 -19.10
C LEU B 142 -26.48 -6.07 -19.98
N GLN B 143 -27.31 -5.11 -19.63
CA GLN B 143 -27.09 -3.75 -19.97
C GLN B 143 -25.84 -3.24 -19.19
N VAL B 144 -24.81 -2.83 -19.89
CA VAL B 144 -23.59 -2.40 -19.25
C VAL B 144 -23.35 -0.94 -19.58
N SER B 145 -23.18 -0.11 -18.54
CA SER B 145 -22.72 1.27 -18.66
C SER B 145 -21.36 1.37 -18.03
N VAL B 146 -20.55 2.26 -18.56
CA VAL B 146 -19.20 2.50 -18.05
C VAL B 146 -19.01 3.99 -17.86
N LEU B 147 -18.47 4.38 -16.70
CA LEU B 147 -18.20 5.77 -16.39
C LEU B 147 -16.75 5.91 -16.02
N ASN B 148 -16.06 6.85 -16.65
CA ASN B 148 -14.70 7.15 -16.24
C ASN B 148 -14.26 8.59 -16.57
N ARG B 149 -13.34 9.13 -15.75
CA ARG B 149 -12.78 10.50 -15.89
C ARG B 149 -12.82 11.15 -17.28
N SER B 150 -12.17 10.49 -18.25
CA SER B 150 -12.00 11.05 -19.58
C SER B 150 -12.42 10.04 -20.67
N LEU B 154 -11.91 3.76 -24.08
CA LEU B 154 -13.33 4.09 -24.32
C LEU B 154 -13.81 3.83 -25.76
N ASP B 155 -12.95 4.04 -26.73
CA ASP B 155 -13.17 3.45 -28.05
C ASP B 155 -13.42 1.93 -27.92
N PHE B 156 -12.64 1.26 -27.07
CA PHE B 156 -12.90 -0.15 -26.74
C PHE B 156 -14.34 -0.48 -26.20
N PHE B 157 -14.81 0.32 -25.23
CA PHE B 157 -16.17 0.15 -24.68
C PHE B 157 -17.30 0.53 -25.66
N GLN B 158 -17.04 1.52 -26.52
CA GLN B 158 -17.95 1.76 -27.63
C GLN B 158 -18.17 0.49 -28.49
N ARG B 159 -17.07 -0.14 -28.93
CA ARG B 159 -17.14 -1.34 -29.80
C ARG B 159 -17.79 -2.55 -29.12
N LEU B 160 -17.51 -2.74 -27.83
CA LEU B 160 -18.22 -3.74 -27.07
C LEU B 160 -19.71 -3.52 -27.13
N GLY B 161 -20.10 -2.27 -27.40
CA GLY B 161 -21.51 -1.86 -27.33
C GLY B 161 -21.97 -1.47 -25.93
N CYS B 162 -21.07 -0.89 -25.15
CA CYS B 162 -21.43 -0.29 -23.87
C CYS B 162 -21.95 1.11 -24.04
N ASP B 163 -22.75 1.54 -23.08
CA ASP B 163 -23.04 2.95 -22.92
C ASP B 163 -21.90 3.63 -22.12
N CYS B 164 -21.17 4.50 -22.80
CA CYS B 164 -20.05 5.20 -22.19
C CYS B 164 -20.47 6.59 -21.75
N PHE B 165 -20.21 6.91 -20.48
CA PHE B 165 -20.63 8.21 -19.92
C PHE B 165 -19.43 8.96 -19.41
N MET B 166 -19.48 10.29 -19.46
CA MET B 166 -18.44 11.10 -18.82
C MET B 166 -18.98 11.70 -17.51
N GLU B 167 -20.30 11.92 -17.45
CA GLU B 167 -21.00 12.31 -16.23
C GLU B 167 -21.80 11.16 -15.73
N PRO B 168 -22.00 11.09 -14.41
CA PRO B 168 -22.81 10.01 -13.82
C PRO B 168 -24.25 9.97 -14.32
N PRO B 169 -24.64 8.85 -14.94
CA PRO B 169 -26.00 8.70 -15.44
C PRO B 169 -26.96 8.67 -14.26
N LYS B 170 -28.00 9.48 -14.32
CA LYS B 170 -28.95 9.50 -13.22
C LYS B 170 -29.93 8.38 -13.47
N SER B 171 -29.49 7.15 -13.23
CA SER B 171 -30.37 5.98 -13.36
C SER B 171 -30.05 4.93 -12.28
N ALA B 172 -30.95 3.98 -12.10
CA ALA B 172 -30.74 2.85 -11.23
C ALA B 172 -29.91 1.76 -11.92
N PHE B 173 -28.88 1.28 -11.24
CA PHE B 173 -28.11 0.11 -11.68
C PHE B 173 -28.17 -1.02 -10.67
N ASP B 174 -28.46 -2.23 -11.13
CA ASP B 174 -28.47 -3.41 -10.26
C ASP B 174 -27.09 -3.62 -9.71
N LEU B 175 -26.06 -3.50 -10.57
CA LEU B 175 -24.67 -3.74 -10.18
C LEU B 175 -23.81 -2.48 -10.32
N ILE B 176 -23.17 -2.04 -9.22
CA ILE B 176 -22.20 -0.97 -9.26
C ILE B 176 -20.83 -1.56 -8.97
N ILE B 177 -19.89 -1.36 -9.89
CA ILE B 177 -18.59 -2.05 -9.79
C ILE B 177 -17.49 -1.03 -9.78
N ASN B 178 -16.76 -0.95 -8.68
CA ASN B 178 -15.57 -0.09 -8.66
C ASN B 178 -14.34 -0.76 -9.28
N ALA B 179 -14.05 -0.44 -10.53
CA ALA B 179 -12.88 -1.07 -11.14
C ALA B 179 -11.82 0.00 -11.33
N THR B 180 -11.82 0.98 -10.42
CA THR B 180 -10.72 1.94 -10.36
C THR B 180 -9.76 1.59 -9.25
N SER B 181 -8.72 2.43 -9.12
CA SER B 181 -7.69 2.29 -8.10
C SER B 181 -7.97 3.13 -6.87
N ALA B 182 -9.15 3.78 -6.82
CA ALA B 182 -9.42 4.67 -5.69
C ALA B 182 -9.39 3.98 -4.29
N SER B 183 -9.87 2.74 -4.19
CA SER B 183 -9.88 2.06 -2.87
C SER B 183 -8.47 1.72 -2.43
N LEU B 184 -7.65 1.27 -3.35
CA LEU B 184 -6.26 1.06 -3.09
C LEU B 184 -5.63 2.23 -2.35
N HIS B 185 -6.21 3.44 -2.48
CA HIS B 185 -5.67 4.62 -1.80
C HIS B 185 -6.54 5.14 -0.67
N ASN B 186 -7.42 4.29 -0.13
CA ASN B 186 -8.49 4.77 0.80
C ASN B 186 -9.21 6.04 0.27
N GLU B 187 -9.67 5.95 -0.99
CA GLU B 187 -10.41 7.03 -1.61
C GLU B 187 -11.66 6.53 -2.29
N LEU B 188 -12.65 7.39 -2.38
CA LEU B 188 -13.88 7.11 -3.08
C LEU B 188 -13.60 7.29 -4.56
N PRO B 189 -14.30 6.52 -5.40
CA PRO B 189 -14.11 6.62 -6.86
C PRO B 189 -15.01 7.68 -7.53
N LEU B 190 -16.04 8.14 -6.82
CA LEU B 190 -16.87 9.26 -7.24
C LEU B 190 -17.33 10.07 -6.04
N ASN B 191 -17.80 11.28 -6.31
CA ASN B 191 -18.46 12.06 -5.27
C ASN B 191 -19.35 11.14 -4.38
N LYS B 192 -19.22 11.32 -3.08
CA LYS B 192 -19.96 10.60 -2.06
C LYS B 192 -21.48 10.63 -2.25
N GLU B 193 -22.04 11.79 -2.61
CA GLU B 193 -23.52 11.89 -2.77
C GLU B 193 -24.07 11.18 -4.02
N VAL B 194 -23.32 11.27 -5.12
CA VAL B 194 -23.69 10.52 -6.31
C VAL B 194 -23.70 9.02 -5.99
N LEU B 195 -22.67 8.58 -5.27
CA LEU B 195 -22.51 7.18 -4.90
C LEU B 195 -23.69 6.68 -4.04
N LYS B 196 -24.00 7.44 -2.98
CA LYS B 196 -25.20 7.21 -2.17
C LYS B 196 -26.43 6.92 -3.02
N GLY B 197 -26.65 7.73 -4.05
CA GLY B 197 -27.82 7.60 -4.92
C GLY B 197 -27.84 6.32 -5.74
N TYR B 198 -26.67 5.89 -6.15
CA TYR B 198 -26.56 4.60 -6.78
C TYR B 198 -26.89 3.48 -5.82
N PHE B 199 -26.42 3.61 -4.57
CA PHE B 199 -26.50 2.51 -3.61
C PHE B 199 -27.92 2.39 -3.06
N LYS B 200 -28.63 3.50 -2.93
CA LYS B 200 -30.01 3.44 -2.46
C LYS B 200 -30.88 2.66 -3.45
N GLU B 201 -30.40 2.52 -4.69
CA GLU B 201 -31.15 1.83 -5.76
C GLU B 201 -30.52 0.52 -6.23
N GLY B 202 -29.25 0.29 -5.89
CA GLY B 202 -28.52 -0.82 -6.48
C GLY B 202 -28.89 -2.12 -5.79
N LYS B 203 -28.38 -3.22 -6.30
CA LYS B 203 -28.58 -4.54 -5.68
C LYS B 203 -27.28 -5.14 -5.17
N LEU B 204 -26.14 -4.68 -5.69
CA LEU B 204 -24.82 -5.13 -5.22
C LEU B 204 -23.78 -4.09 -5.54
N ALA B 205 -23.01 -3.69 -4.52
CA ALA B 205 -21.80 -2.91 -4.70
C ALA B 205 -20.60 -3.85 -4.68
N TYR B 206 -19.80 -3.80 -5.74
CA TYR B 206 -18.71 -4.75 -5.96
C TYR B 206 -17.41 -4.01 -6.16
N ASP B 207 -16.50 -4.17 -5.20
CA ASP B 207 -15.17 -3.59 -5.31
C ASP B 207 -14.12 -4.64 -5.74
N LEU B 208 -13.27 -4.26 -6.68
CA LEU B 208 -12.16 -5.16 -7.02
C LEU B 208 -11.05 -5.24 -5.96
N ALA B 209 -10.91 -4.18 -5.13
CA ALA B 209 -9.97 -4.22 -3.98
C ALA B 209 -10.49 -5.15 -2.87
N TYR B 210 -9.62 -5.52 -1.94
CA TYR B 210 -9.97 -6.58 -0.98
C TYR B 210 -9.06 -6.46 0.25
N GLY B 211 -9.38 -7.21 1.30
CA GLY B 211 -8.52 -7.28 2.46
C GLY B 211 -8.90 -6.28 3.55
N PHE B 212 -9.95 -5.49 3.31
CA PHE B 212 -10.33 -4.38 4.19
C PHE B 212 -11.60 -3.70 3.65
N LEU B 213 -12.24 -2.88 4.50
CA LEU B 213 -13.49 -2.19 4.14
C LEU B 213 -13.18 -0.82 3.50
N THR B 214 -13.33 -0.76 2.17
CA THR B 214 -12.95 0.40 1.42
C THR B 214 -13.99 1.47 1.64
N PRO B 215 -13.67 2.74 1.32
CA PRO B 215 -14.67 3.82 1.42
C PRO B 215 -15.96 3.48 0.67
N PHE B 216 -15.80 2.97 -0.55
CA PHE B 216 -16.89 2.55 -1.45
C PHE B 216 -17.76 1.44 -0.83
N LEU B 217 -17.15 0.38 -0.31
CA LEU B 217 -17.93 -0.70 0.36
C LEU B 217 -18.50 -0.20 1.69
N SER B 218 -17.78 0.68 2.36
CA SER B 218 -18.20 1.10 3.70
C SER B 218 -19.45 1.93 3.58
N LEU B 219 -19.53 2.65 2.46
CA LEU B 219 -20.66 3.50 2.16
C LEU B 219 -21.91 2.69 1.81
N ALA B 220 -21.68 1.57 1.13
CA ALA B 220 -22.73 0.68 0.74
C ALA B 220 -23.30 0.05 1.99
N LYS B 221 -22.39 -0.41 2.85
CA LYS B 221 -22.77 -1.01 4.10
C LYS B 221 -23.53 -0.01 5.04
N GLU B 222 -23.19 1.26 5.00
CA GLU B 222 -23.93 2.20 5.80
C GLU B 222 -25.35 2.38 5.26
N LEU B 223 -25.53 2.20 3.95
CA LEU B 223 -26.85 2.29 3.34
C LEU B 223 -27.59 0.93 3.28
N LYS B 224 -27.00 -0.11 3.85
CA LYS B 224 -27.54 -1.51 3.81
C LYS B 224 -27.64 -2.14 2.40
N THR B 225 -26.82 -1.68 1.47
CA THR B 225 -26.73 -2.29 0.15
C THR B 225 -25.82 -3.51 0.24
N PRO B 226 -26.29 -4.67 -0.27
CA PRO B 226 -25.36 -5.80 -0.36
C PRO B 226 -24.06 -5.36 -1.03
N PHE B 227 -22.95 -5.84 -0.51
CA PHE B 227 -21.67 -5.46 -1.07
C PHE B 227 -20.77 -6.68 -1.11
N GLN B 228 -19.69 -6.57 -1.87
CA GLN B 228 -18.70 -7.66 -1.98
C GLN B 228 -17.37 -7.09 -2.44
N ASP B 229 -16.29 -7.50 -1.76
CA ASP B 229 -14.95 -7.16 -2.18
C ASP B 229 -14.41 -8.20 -3.18
N GLY B 230 -13.17 -8.02 -3.65
CA GLY B 230 -12.63 -8.87 -4.72
C GLY B 230 -11.77 -10.03 -4.23
N LYS B 231 -11.92 -10.44 -2.96
CA LYS B 231 -11.21 -11.68 -2.55
C LYS B 231 -11.68 -12.95 -3.21
N ASP B 232 -12.98 -13.11 -3.39
CA ASP B 232 -13.47 -14.26 -4.10
C ASP B 232 -12.94 -14.30 -5.54
N MET B 233 -13.04 -13.17 -6.23
CA MET B 233 -12.45 -13.05 -7.54
C MET B 233 -10.95 -13.39 -7.52
N LEU B 234 -10.23 -12.85 -6.55
CA LEU B 234 -8.79 -13.04 -6.50
C LEU B 234 -8.39 -14.55 -6.39
N ILE B 235 -9.05 -15.26 -5.46
CA ILE B 235 -8.78 -16.69 -5.26
C ILE B 235 -9.13 -17.45 -6.52
N TYR B 236 -10.27 -17.11 -7.10
CA TYR B 236 -10.64 -17.69 -8.38
C TYR B 236 -9.58 -17.48 -9.39
N ASN B 237 -9.26 -16.21 -9.70
CA ASN B 237 -8.14 -15.85 -10.60
C ASN B 237 -6.84 -16.58 -10.30
N ALA B 238 -6.49 -16.64 -9.02
CA ALA B 238 -5.21 -17.15 -8.58
C ALA B 238 -5.09 -18.65 -8.81
N ALA B 239 -6.20 -19.37 -8.62
CA ALA B 239 -6.27 -20.82 -8.83
C ALA B 239 -6.22 -21.14 -10.32
N LEU B 240 -6.84 -20.31 -11.14
CA LEU B 240 -6.75 -20.51 -12.60
C LEU B 240 -5.32 -20.25 -13.07
N SER B 241 -4.68 -19.21 -12.53
CA SER B 241 -3.28 -18.92 -12.80
C SER B 241 -2.40 -20.06 -12.39
N PHE B 242 -2.61 -20.56 -11.18
CA PHE B 242 -1.74 -21.61 -10.67
C PHE B 242 -1.81 -22.88 -11.54
N GLU B 243 -2.97 -23.17 -12.09
CA GLU B 243 -3.07 -24.19 -13.12
C GLU B 243 -2.01 -23.98 -14.25
N LYS B 244 -1.89 -22.75 -14.77
CA LYS B 244 -0.91 -22.42 -15.82
C LYS B 244 0.54 -22.41 -15.30
N PHE B 245 0.73 -22.02 -14.04
CA PHE B 245 2.08 -21.96 -13.50
C PHE B 245 2.59 -23.36 -13.30
N SER B 246 1.71 -24.25 -12.87
CA SER B 246 2.07 -25.63 -12.59
C SER B 246 2.23 -26.45 -13.87
N ALA B 247 2.28 -25.79 -15.03
CA ALA B 247 2.29 -26.53 -16.33
C ALA B 247 1.09 -27.52 -16.42
N SER B 248 -0.01 -27.13 -15.77
CA SER B 248 -1.23 -27.92 -15.73
C SER B 248 -1.16 -29.20 -14.87
N GLN B 249 0.00 -29.47 -14.25
CA GLN B 249 0.16 -30.62 -13.34
C GLN B 249 -0.75 -30.52 -12.12
N ILE B 250 -1.19 -29.30 -11.79
CA ILE B 250 -2.15 -29.12 -10.70
C ILE B 250 -3.51 -28.53 -11.20
N PRO B 251 -4.62 -29.23 -10.96
CA PRO B 251 -5.91 -28.74 -11.45
C PRO B 251 -6.42 -27.55 -10.68
N TYR B 252 -7.06 -26.64 -11.39
CA TYR B 252 -7.65 -25.48 -10.79
C TYR B 252 -8.33 -25.78 -9.44
N SER B 253 -9.17 -26.81 -9.39
CA SER B 253 -9.98 -27.01 -8.16
C SER B 253 -9.15 -27.48 -6.95
N LYS B 254 -8.13 -28.30 -7.19
CA LYS B 254 -7.13 -28.63 -6.15
C LYS B 254 -6.44 -27.38 -5.52
N ALA B 255 -5.85 -26.53 -6.37
CA ALA B 255 -5.30 -25.22 -5.95
C ALA B 255 -6.30 -24.34 -5.19
N PHE B 256 -7.55 -24.35 -5.66
CA PHE B 256 -8.59 -23.47 -5.15
C PHE B 256 -8.86 -23.72 -3.68
N GLU B 257 -8.90 -24.98 -3.29
CA GLU B 257 -9.23 -25.26 -1.92
C GLU B 257 -8.05 -25.05 -0.97
N VAL B 258 -6.82 -25.30 -1.41
CA VAL B 258 -5.68 -24.84 -0.61
C VAL B 258 -5.81 -23.34 -0.43
N MET B 259 -5.94 -22.62 -1.54
CA MET B 259 -5.99 -21.15 -1.54
C MET B 259 -7.15 -20.62 -0.72
N ARG B 260 -8.31 -21.24 -0.88
CA ARG B 260 -9.47 -20.84 -0.10
C ARG B 260 -9.19 -21.02 1.37
N SER B 261 -8.59 -22.14 1.72
CA SER B 261 -8.45 -22.45 3.12
C SER B 261 -7.40 -21.55 3.77
N VAL B 262 -6.24 -21.37 3.13
CA VAL B 262 -5.22 -20.47 3.71
C VAL B 262 -5.74 -19.05 3.83
N PHE B 263 -6.46 -18.59 2.82
CA PHE B 263 -6.94 -17.22 2.85
C PHE B 263 -7.91 -16.98 4.02
#